data_5IRR
#
_entry.id   5IRR
#
_cell.length_a   177.580
_cell.length_b   39.410
_cell.length_c   130.900
_cell.angle_alpha   90.000
_cell.angle_beta   118.500
_cell.angle_gamma   90.000
#
_symmetry.space_group_name_H-M   'C 1 2 1'
#
loop_
_entity.id
_entity.type
_entity.pdbx_description
1 polymer 'Septin-like protein'
2 non-polymer 'MAGNESIUM ION'
3 non-polymer "5'-GUANOSINE-DIPHOSPHATE-MONOTHIOPHOSPHATE"
4 water water
#
_entity_poly.entity_id   1
_entity_poly.type   'polypeptide(L)'
_entity_poly.pdbx_seq_one_letter_code
;GE(MSE)VFGKDALLGPRRPRPHKIWKKKYIKLIVVGDSGLGKTTLIKSLISIPGERLQVHDGSYTPTEQFRRDPESLSS
TVSWRDEEDRVIWVYKIQDTPGYGDELDVFRNLK(MSE)VQDYIESQNRKWLELEQARDRKEDLAEIEDPRVDLCIFCIP
PHRLRPIDLKY(MSE)FELGKHVPVVPVVTKADT(MSE)TIREANTYRTEVANRIANP(MSE)VPGIHDKINIFKFERDT
LERAGVQDHATPHPPFLVIASNDISEELAAAEPPLFWPERRYPWGTAEAFNKEHSDLLAVRALL(MSE)KEALEEISKTK
RARYEAWRRTTL
;
_entity_poly.pdbx_strand_id   A,B
#
# COMPACT_ATOMS: atom_id res chain seq x y z
N ILE A 21 26.27 9.04 -40.61
CA ILE A 21 26.64 7.64 -40.44
C ILE A 21 25.74 6.98 -39.40
N TRP A 22 25.83 7.42 -38.15
CA TRP A 22 24.97 6.92 -37.09
C TRP A 22 23.64 7.66 -37.10
N LYS A 23 22.57 6.93 -36.82
CA LYS A 23 21.25 7.52 -36.61
C LYS A 23 20.90 7.41 -35.13
N LYS A 24 20.59 8.53 -34.50
CA LYS A 24 20.22 8.54 -33.09
C LYS A 24 18.70 8.45 -32.96
N LYS A 25 18.25 7.54 -32.11
CA LYS A 25 16.83 7.39 -31.79
C LYS A 25 16.64 7.56 -30.29
N TYR A 26 15.52 8.17 -29.91
CA TYR A 26 15.27 8.57 -28.53
C TYR A 26 14.01 7.91 -28.02
N ILE A 27 14.09 7.36 -26.81
CA ILE A 27 12.93 6.87 -26.07
C ILE A 27 12.94 7.52 -24.70
N LYS A 28 11.82 8.09 -24.29
CA LYS A 28 11.68 8.60 -22.93
C LYS A 28 10.46 7.98 -22.28
N LEU A 29 10.67 7.33 -21.15
CA LEU A 29 9.59 6.82 -20.30
C LEU A 29 9.37 7.77 -19.13
N ILE A 30 8.15 7.81 -18.64
CA ILE A 30 7.83 8.45 -17.37
C ILE A 30 7.16 7.43 -16.47
N VAL A 31 7.50 7.45 -15.19
CA VAL A 31 7.03 6.49 -14.21
C VAL A 31 6.20 7.23 -13.17
N VAL A 32 4.98 6.77 -12.95
CA VAL A 32 4.05 7.41 -12.04
C VAL A 32 3.40 6.36 -11.16
N GLY A 33 2.85 6.81 -10.03
CA GLY A 33 2.19 5.91 -9.10
C GLY A 33 2.10 6.55 -7.73
N ASP A 34 1.43 5.84 -6.83
CA ASP A 34 1.29 6.31 -5.46
C ASP A 34 2.63 6.27 -4.74
N SER A 35 2.69 6.96 -3.60
CA SER A 35 3.94 7.10 -2.87
C SER A 35 4.38 5.78 -2.25
N GLY A 36 5.69 5.54 -2.26
CA GLY A 36 6.24 4.39 -1.59
C GLY A 36 5.98 3.06 -2.26
N LEU A 37 5.61 3.05 -3.54
CA LEU A 37 5.34 1.82 -4.26
C LEU A 37 6.59 1.15 -4.82
N GLY A 38 7.75 1.77 -4.71
CA GLY A 38 8.96 1.23 -5.30
C GLY A 38 9.25 1.72 -6.70
N LYS A 39 8.72 2.88 -7.09
CA LYS A 39 8.95 3.42 -8.42
C LYS A 39 10.44 3.64 -8.69
N THR A 40 11.13 4.33 -7.78
CA THR A 40 12.53 4.66 -8.03
C THR A 40 13.40 3.41 -8.01
N THR A 41 13.09 2.45 -7.13
CA THR A 41 13.80 1.18 -7.12
C THR A 41 13.65 0.46 -8.45
N LEU A 42 12.43 0.45 -9.01
CA LEU A 42 12.20 -0.20 -10.29
C LEU A 42 12.97 0.48 -11.41
N ILE A 43 13.01 1.81 -11.41
CA ILE A 43 13.73 2.54 -12.45
C ILE A 43 15.20 2.15 -12.46
N LYS A 44 15.84 2.14 -11.29
CA LYS A 44 17.25 1.81 -11.21
C LYS A 44 17.53 0.38 -11.69
N SER A 45 16.58 -0.53 -11.50
CA SER A 45 16.77 -1.88 -12.03
C SER A 45 16.62 -1.92 -13.54
N LEU A 46 15.70 -1.12 -14.09
CA LEU A 46 15.43 -1.17 -15.51
C LEU A 46 16.60 -0.62 -16.32
N ILE A 47 17.16 0.52 -15.92
CA ILE A 47 18.27 1.10 -16.67
C ILE A 47 19.59 0.40 -16.39
N SER A 48 19.63 -0.52 -15.44
CA SER A 48 20.86 -1.25 -15.10
C SER A 48 20.97 -2.53 -15.92
N ILE A 49 20.95 -2.36 -17.25
CA ILE A 49 21.14 -3.50 -18.13
C ILE A 49 22.58 -3.99 -18.00
N PRO A 50 22.80 -5.28 -17.78
CA PRO A 50 24.18 -5.80 -17.69
C PRO A 50 25.01 -5.38 -18.91
N GLY A 51 26.27 -5.04 -18.65
CA GLY A 51 27.11 -4.37 -19.61
C GLY A 51 27.18 -2.86 -19.42
N GLU A 52 26.22 -2.28 -18.72
CA GLU A 52 26.12 -0.85 -18.48
C GLU A 52 26.48 -0.56 -17.02
N ARG A 53 25.91 0.51 -16.46
CA ARG A 53 26.49 1.20 -15.30
C ARG A 53 26.06 0.62 -13.95
N LEU A 54 24.99 -0.19 -13.89
CA LEU A 54 24.51 -0.73 -12.63
C LEU A 54 24.19 0.38 -11.63
N GLN A 55 22.99 0.95 -11.73
CA GLN A 55 22.59 2.05 -10.86
C GLN A 55 21.64 1.53 -9.79
N VAL A 56 21.76 2.10 -8.58
CA VAL A 56 21.02 1.63 -7.41
C VAL A 56 20.41 2.84 -6.70
N HIS A 57 19.33 2.57 -5.96
CA HIS A 57 18.60 3.56 -5.20
C HIS A 57 18.82 3.35 -3.70
N ASP A 58 18.72 4.43 -2.92
CA ASP A 58 19.02 4.39 -1.50
C ASP A 58 17.77 4.36 -0.61
N GLY A 59 16.59 4.24 -1.19
CA GLY A 59 15.36 4.10 -0.43
C GLY A 59 14.67 5.39 -0.03
N SER A 60 15.33 6.54 -0.16
CA SER A 60 14.73 7.80 0.22
C SER A 60 13.59 8.18 -0.72
N TYR A 61 12.69 9.02 -0.21
N TYR A 61 12.69 9.02 -0.23
CA TYR A 61 11.55 9.47 -1.00
CA TYR A 61 11.51 9.39 -1.00
C TYR A 61 12.02 10.32 -2.19
C TYR A 61 11.86 10.49 -2.03
N THR A 62 11.14 10.46 -3.17
CA THR A 62 11.36 11.41 -4.25
C THR A 62 10.54 12.66 -3.92
N PRO A 63 11.18 13.79 -3.65
CA PRO A 63 10.44 14.97 -3.19
C PRO A 63 9.75 15.69 -4.34
N THR A 64 8.54 16.18 -4.05
CA THR A 64 7.79 16.97 -5.02
C THR A 64 8.57 18.22 -5.42
N GLU A 65 9.21 18.88 -4.44
CA GLU A 65 9.94 20.11 -4.75
C GLU A 65 11.11 19.85 -5.69
N GLN A 66 11.78 18.70 -5.55
CA GLN A 66 12.89 18.40 -6.44
C GLN A 66 12.42 18.24 -7.89
N PHE A 67 11.28 17.57 -8.09
CA PHE A 67 10.73 17.46 -9.44
C PHE A 67 10.35 18.82 -10.00
N ARG A 68 9.94 19.75 -9.15
CA ARG A 68 9.55 21.07 -9.63
C ARG A 68 10.75 21.90 -10.02
N ARG A 69 11.77 21.95 -9.17
CA ARG A 69 12.90 22.84 -9.37
C ARG A 69 14.12 22.16 -9.99
N ASP A 70 14.06 20.85 -10.27
CA ASP A 70 15.16 20.16 -10.90
C ASP A 70 14.72 18.80 -11.42
N PRO A 71 13.84 18.75 -12.43
CA PRO A 71 13.37 17.44 -12.92
C PRO A 71 14.47 16.61 -13.59
N GLU A 72 15.50 17.26 -14.15
CA GLU A 72 16.58 16.50 -14.78
C GLU A 72 17.36 15.68 -13.77
N SER A 73 17.48 16.16 -12.53
CA SER A 73 18.14 15.39 -11.49
C SER A 73 17.37 14.13 -11.12
N LEU A 74 16.15 13.97 -11.60
CA LEU A 74 15.36 12.77 -11.39
C LEU A 74 15.26 11.92 -12.66
N SER A 75 16.00 12.26 -13.70
CA SER A 75 15.98 11.52 -14.95
C SER A 75 17.19 10.60 -15.02
N SER A 76 16.96 9.33 -15.33
CA SER A 76 18.02 8.38 -15.57
C SER A 76 18.18 8.15 -17.07
N THR A 77 19.43 7.95 -17.50
CA THR A 77 19.75 7.83 -18.91
C THR A 77 20.68 6.64 -19.14
N VAL A 78 20.44 5.92 -20.23
CA VAL A 78 21.35 4.88 -20.70
C VAL A 78 21.38 4.96 -22.22
N SER A 79 22.53 4.61 -22.80
CA SER A 79 22.72 4.69 -24.24
C SER A 79 23.56 3.52 -24.70
N TRP A 80 23.28 3.04 -25.91
CA TRP A 80 24.03 1.94 -26.49
C TRP A 80 23.90 2.00 -28.01
N ARG A 81 24.74 1.22 -28.68
CA ARG A 81 24.82 1.20 -30.13
C ARG A 81 24.22 -0.09 -30.68
N ASP A 82 23.55 0.03 -31.83
CA ASP A 82 23.10 -1.11 -32.61
C ASP A 82 23.97 -1.16 -33.86
N GLU A 83 24.94 -2.09 -33.86
CA GLU A 83 25.96 -2.11 -34.90
C GLU A 83 25.35 -2.37 -36.27
N GLU A 84 24.57 -3.45 -36.40
CA GLU A 84 24.05 -3.84 -37.71
C GLU A 84 23.14 -2.76 -38.29
N ASP A 85 22.33 -2.12 -37.46
CA ASP A 85 21.42 -1.09 -37.92
C ASP A 85 22.03 0.31 -37.88
N ARG A 86 23.24 0.46 -37.34
CA ARG A 86 23.92 1.75 -37.24
C ARG A 86 23.03 2.79 -36.54
N VAL A 87 22.55 2.41 -35.36
CA VAL A 87 21.64 3.22 -34.57
C VAL A 87 22.23 3.42 -33.18
N ILE A 88 22.14 4.64 -32.67
CA ILE A 88 22.49 4.95 -31.29
C ILE A 88 21.18 5.22 -30.55
N TRP A 89 20.85 4.36 -29.60
CA TRP A 89 19.67 4.55 -28.77
C TRP A 89 20.02 5.39 -27.55
N VAL A 90 19.22 6.43 -27.31
CA VAL A 90 19.33 7.26 -26.12
C VAL A 90 18.03 7.07 -25.33
N TYR A 91 18.13 6.37 -24.20
CA TYR A 91 16.98 5.94 -23.42
C TYR A 91 16.93 6.72 -22.12
N LYS A 92 15.84 7.44 -21.90
CA LYS A 92 15.64 8.20 -20.67
C LYS A 92 14.42 7.67 -19.92
N ILE A 93 14.54 7.62 -18.59
CA ILE A 93 13.42 7.27 -17.73
C ILE A 93 13.24 8.40 -16.72
N GLN A 94 12.10 9.08 -16.78
CA GLN A 94 11.82 10.21 -15.91
C GLN A 94 11.09 9.72 -14.66
N ASP A 95 11.73 9.91 -13.51
CA ASP A 95 11.11 9.62 -12.22
C ASP A 95 10.21 10.79 -11.80
N THR A 96 9.16 10.46 -11.03
CA THR A 96 8.23 11.44 -10.51
C THR A 96 7.94 11.14 -9.05
N PRO A 97 7.53 12.14 -8.28
CA PRO A 97 7.08 11.85 -6.90
C PRO A 97 5.76 11.12 -6.91
N GLY A 98 5.56 10.27 -5.91
CA GLY A 98 4.27 9.61 -5.76
C GLY A 98 3.16 10.61 -5.54
N TYR A 99 1.99 10.31 -6.09
CA TYR A 99 0.88 11.26 -5.98
C TYR A 99 0.20 11.24 -4.62
N GLY A 100 0.71 10.46 -3.68
CA GLY A 100 0.29 10.57 -2.30
C GLY A 100 1.17 11.45 -1.44
N ASP A 101 2.15 12.13 -2.04
CA ASP A 101 3.10 12.92 -1.27
C ASP A 101 2.49 14.20 -0.70
N GLU A 102 1.42 14.70 -1.32
CA GLU A 102 0.73 15.90 -0.87
C GLU A 102 -0.73 15.55 -0.56
N LEU A 103 -1.48 16.56 -0.11
CA LEU A 103 -2.86 16.33 0.30
C LEU A 103 -3.77 16.09 -0.90
N ASP A 104 -3.52 16.79 -2.00
CA ASP A 104 -4.39 16.75 -3.18
C ASP A 104 -3.73 15.92 -4.27
N VAL A 105 -4.38 14.82 -4.64
CA VAL A 105 -3.82 13.91 -5.64
C VAL A 105 -3.78 14.57 -7.01
N PHE A 106 -4.76 15.41 -7.33
CA PHE A 106 -4.84 15.97 -8.67
C PHE A 106 -3.81 17.06 -8.93
N ARG A 107 -3.17 17.61 -7.89
CA ARG A 107 -2.04 18.49 -8.12
C ARG A 107 -0.87 17.74 -8.74
N ASN A 108 -0.60 16.52 -8.27
CA ASN A 108 0.46 15.71 -8.86
C ASN A 108 0.14 15.35 -10.30
N LEU A 109 -1.11 14.99 -10.58
CA LEU A 109 -1.53 14.67 -11.95
C LEU A 109 -1.26 15.84 -12.89
N LYS A 110 -1.64 17.05 -12.48
CA LYS A 110 -1.43 18.22 -13.33
C LYS A 110 0.06 18.49 -13.54
N VAL A 112 2.50 16.29 -13.59
CA VAL A 112 3.01 15.33 -14.56
C VAL A 112 2.49 15.66 -15.96
N GLN A 113 1.21 16.04 -16.07
CA GLN A 113 0.66 16.42 -17.37
C GLN A 113 1.39 17.63 -17.95
N ASP A 114 1.70 18.61 -17.09
CA ASP A 114 2.45 19.78 -17.57
C ASP A 114 3.86 19.40 -18.00
N TYR A 115 4.49 18.43 -17.33
CA TYR A 115 5.80 17.98 -17.77
C TYR A 115 5.75 17.42 -19.18
N ILE A 116 4.77 16.55 -19.45
CA ILE A 116 4.62 15.98 -20.79
C ILE A 116 4.40 17.09 -21.82
N GLU A 117 3.52 18.05 -21.49
CA GLU A 117 3.26 19.17 -22.39
C GLU A 117 4.51 19.99 -22.64
N SER A 118 5.31 20.22 -21.58
CA SER A 118 6.51 21.04 -21.72
C SER A 118 7.50 20.40 -22.70
N GLN A 119 7.62 19.08 -22.69
CA GLN A 119 8.52 18.42 -23.62
C GLN A 119 8.05 18.59 -25.05
N ASN A 120 6.73 18.60 -25.28
CA ASN A 120 6.21 18.82 -26.63
C ASN A 120 6.49 20.24 -27.10
N ARG A 121 6.36 21.22 -26.21
CA ARG A 121 6.65 22.60 -26.60
C ARG A 121 8.14 22.81 -26.80
N LYS A 122 8.99 22.02 -26.14
CA LYS A 122 10.43 22.06 -26.45
C LYS A 122 10.68 21.57 -27.86
N TRP A 123 10.10 20.43 -28.24
CA TRP A 123 10.30 19.88 -29.57
C TRP A 123 9.79 20.85 -30.64
N LEU A 124 8.66 21.50 -30.39
CA LEU A 124 8.12 22.44 -31.37
C LEU A 124 9.05 23.63 -31.56
N GLU A 125 9.58 24.19 -30.46
CA GLU A 125 10.46 25.35 -30.57
C GLU A 125 11.78 24.98 -31.25
N LEU A 126 12.28 23.76 -31.00
CA LEU A 126 13.48 23.31 -31.69
C LEU A 126 13.17 23.03 -33.16
N GLU A 127 12.00 22.45 -33.46
CA GLU A 127 11.63 22.18 -34.85
C GLU A 127 11.36 23.47 -35.60
N GLN A 128 10.78 24.46 -34.93
CA GLN A 128 10.58 25.78 -35.55
C GLN A 128 11.91 26.36 -36.02
N ALA A 129 12.91 26.36 -35.14
CA ALA A 129 14.19 26.97 -35.48
C ALA A 129 14.91 26.17 -36.56
N ARG A 130 15.02 24.85 -36.38
CA ARG A 130 15.70 24.01 -37.35
C ARG A 130 14.91 23.91 -38.65
N ILE A 139 19.25 17.19 -32.83
CA ILE A 139 17.84 17.11 -32.50
C ILE A 139 17.60 16.16 -31.33
N GLU A 140 18.04 16.56 -30.14
CA GLU A 140 17.86 15.75 -28.94
C GLU A 140 16.38 15.75 -28.55
N ASP A 141 15.71 14.62 -28.78
CA ASP A 141 14.26 14.55 -28.61
C ASP A 141 13.91 14.43 -27.12
N PRO A 142 13.16 15.36 -26.56
CA PRO A 142 12.75 15.27 -25.14
C PRO A 142 11.36 14.71 -24.90
N ARG A 143 10.62 14.33 -25.95
CA ARG A 143 9.23 14.00 -25.80
C ARG A 143 9.03 12.65 -25.12
N VAL A 144 7.96 12.56 -24.35
CA VAL A 144 7.63 11.33 -23.61
C VAL A 144 6.90 10.37 -24.54
N ASP A 145 7.37 9.13 -24.58
CA ASP A 145 6.76 8.12 -25.44
C ASP A 145 5.80 7.20 -24.71
N LEU A 146 6.05 6.92 -23.43
CA LEU A 146 5.35 5.84 -22.74
C LEU A 146 5.35 6.13 -21.25
N CYS A 147 4.25 5.76 -20.58
CA CYS A 147 4.15 5.90 -19.13
C CYS A 147 4.08 4.52 -18.49
N ILE A 148 4.94 4.30 -17.50
CA ILE A 148 4.84 3.12 -16.65
C ILE A 148 4.01 3.53 -15.43
N PHE A 149 2.83 2.93 -15.29
CA PHE A 149 1.95 3.23 -14.17
C PHE A 149 2.09 2.12 -13.14
N CYS A 150 2.69 2.45 -12.00
CA CYS A 150 2.88 1.47 -10.94
C CYS A 150 1.62 1.35 -10.09
N ILE A 151 1.11 0.13 -9.97
CA ILE A 151 -0.14 -0.17 -9.29
C ILE A 151 0.18 -0.85 -7.97
N PRO A 152 -0.48 -0.48 -6.87
CA PRO A 152 -0.19 -1.12 -5.59
C PRO A 152 -0.66 -2.56 -5.59
N PRO A 153 -0.03 -3.43 -4.81
CA PRO A 153 -0.51 -4.81 -4.72
C PRO A 153 -1.83 -4.89 -3.97
N HIS A 154 -2.59 -5.95 -4.28
CA HIS A 154 -3.80 -6.37 -3.56
C HIS A 154 -5.04 -5.52 -3.85
N ARG A 155 -4.90 -4.23 -4.10
CA ARG A 155 -6.08 -3.38 -4.25
C ARG A 155 -5.83 -2.25 -5.22
N LEU A 156 -6.70 -2.12 -6.22
CA LEU A 156 -6.67 -1.05 -7.20
C LEU A 156 -7.85 -0.11 -6.93
N ARG A 157 -7.56 1.13 -6.58
CA ARG A 157 -8.55 2.07 -6.11
C ARG A 157 -9.06 2.95 -7.23
N PRO A 158 -10.26 3.54 -7.07
CA PRO A 158 -10.77 4.46 -8.11
C PRO A 158 -9.81 5.59 -8.46
N ILE A 159 -9.07 6.13 -7.48
CA ILE A 159 -8.16 7.22 -7.79
C ILE A 159 -7.02 6.74 -8.69
N ASP A 160 -6.60 5.48 -8.54
CA ASP A 160 -5.58 4.95 -9.44
C ASP A 160 -6.09 4.89 -10.87
N LEU A 161 -7.30 4.37 -11.06
CA LEU A 161 -7.90 4.31 -12.39
C LEU A 161 -8.15 5.70 -12.94
N LYS A 162 -8.63 6.63 -12.09
CA LYS A 162 -8.83 8.00 -12.52
C LYS A 162 -7.53 8.62 -13.01
N TYR A 163 -6.46 8.43 -12.24
CA TYR A 163 -5.15 8.95 -12.62
C TYR A 163 -4.68 8.35 -13.94
N PHE A 165 -6.50 7.03 -16.37
CA PHE A 165 -7.32 7.50 -17.47
C PHE A 165 -6.88 8.90 -17.93
N GLU A 166 -6.78 9.84 -16.99
CA GLU A 166 -6.43 11.22 -17.37
C GLU A 166 -5.02 11.29 -17.93
N LEU A 167 -4.11 10.50 -17.38
CA LEU A 167 -2.74 10.48 -17.91
C LEU A 167 -2.70 9.83 -19.29
N GLY A 168 -3.50 8.78 -19.50
CA GLY A 168 -3.57 8.13 -20.79
C GLY A 168 -4.02 9.03 -21.92
N LYS A 169 -4.71 10.13 -21.60
CA LYS A 169 -5.09 11.09 -22.62
C LYS A 169 -3.88 11.77 -23.25
N HIS A 170 -2.72 11.70 -22.59
CA HIS A 170 -1.51 12.32 -23.09
C HIS A 170 -0.46 11.33 -23.58
N VAL A 171 -0.40 10.14 -22.99
CA VAL A 171 0.63 9.16 -23.32
C VAL A 171 0.09 7.76 -23.02
N PRO A 172 0.41 6.76 -23.83
CA PRO A 172 -0.05 5.40 -23.52
C PRO A 172 0.57 4.87 -22.23
N VAL A 173 -0.15 3.94 -21.59
CA VAL A 173 0.14 3.49 -20.24
C VAL A 173 0.48 2.01 -20.26
N VAL A 174 1.50 1.63 -19.49
CA VAL A 174 1.84 0.24 -19.24
C VAL A 174 1.62 -0.04 -17.76
N PRO A 175 0.61 -0.84 -17.39
CA PRO A 175 0.35 -1.11 -15.97
C PRO A 175 1.32 -2.12 -15.39
N VAL A 176 1.91 -1.79 -14.24
CA VAL A 176 2.85 -2.65 -13.56
C VAL A 176 2.45 -2.71 -12.08
N VAL A 177 2.21 -3.92 -11.57
CA VAL A 177 1.98 -4.11 -10.15
C VAL A 177 3.34 -4.32 -9.48
N THR A 178 3.69 -3.43 -8.56
CA THR A 178 4.96 -3.52 -7.87
C THR A 178 4.79 -4.26 -6.54
N LYS A 179 5.92 -4.52 -5.88
CA LYS A 179 5.95 -5.24 -4.61
C LYS A 179 5.21 -6.56 -4.69
N ALA A 180 5.42 -7.29 -5.80
CA ALA A 180 4.71 -8.55 -6.00
C ALA A 180 5.06 -9.59 -4.94
N ASP A 181 6.12 -9.39 -4.16
CA ASP A 181 6.39 -10.28 -3.02
C ASP A 181 5.39 -10.07 -1.89
N THR A 182 4.45 -9.14 -2.03
CA THR A 182 3.36 -8.94 -1.08
C THR A 182 2.26 -9.98 -1.24
N THR A 184 0.77 -13.96 -2.26
CA THR A 184 0.94 -15.36 -2.55
C THR A 184 0.62 -15.64 -4.01
N ILE A 185 0.93 -16.86 -4.46
CA ILE A 185 0.64 -17.25 -5.83
C ILE A 185 -0.85 -17.10 -6.13
N ARG A 186 -1.69 -17.60 -5.21
CA ARG A 186 -3.13 -17.52 -5.43
C ARG A 186 -3.62 -16.08 -5.43
N GLU A 187 -3.13 -15.26 -4.50
CA GLU A 187 -3.51 -13.85 -4.49
C GLU A 187 -3.07 -13.16 -5.77
N ALA A 188 -1.86 -13.47 -6.26
CA ALA A 188 -1.34 -12.81 -7.44
C ALA A 188 -2.16 -13.15 -8.68
N ASN A 189 -2.51 -14.42 -8.86
CA ASN A 189 -3.31 -14.81 -10.02
C ASN A 189 -4.68 -14.16 -10.00
N THR A 190 -5.28 -14.06 -8.81
CA THR A 190 -6.57 -13.39 -8.70
C THR A 190 -6.45 -11.90 -9.00
N TYR A 191 -5.41 -11.26 -8.45
CA TYR A 191 -5.26 -9.81 -8.61
C TYR A 191 -4.92 -9.43 -10.05
N ARG A 192 -4.07 -10.23 -10.71
CA ARG A 192 -3.72 -9.95 -12.10
C ARG A 192 -4.98 -9.89 -12.96
N THR A 193 -5.93 -10.81 -12.72
CA THR A 193 -7.18 -10.80 -13.45
C THR A 193 -8.06 -9.61 -13.07
N GLU A 194 -8.11 -9.29 -11.77
CA GLU A 194 -8.95 -8.18 -11.32
C GLU A 194 -8.44 -6.85 -11.86
N VAL A 195 -7.12 -6.66 -11.89
CA VAL A 195 -6.56 -5.41 -12.42
C VAL A 195 -6.86 -5.28 -13.90
N ALA A 196 -6.65 -6.37 -14.66
CA ALA A 196 -6.96 -6.35 -16.08
C ALA A 196 -8.44 -6.08 -16.33
N ASN A 197 -9.31 -6.63 -15.46
CA ASN A 197 -10.74 -6.42 -15.65
C ASN A 197 -11.16 -5.00 -15.28
N ARG A 198 -10.60 -4.45 -14.19
CA ARG A 198 -10.96 -3.09 -13.80
C ARG A 198 -10.48 -2.08 -14.84
N ILE A 199 -9.31 -2.31 -15.43
CA ILE A 199 -8.81 -1.38 -16.44
C ILE A 199 -9.73 -1.38 -17.65
N ALA A 200 -10.25 -2.55 -18.02
CA ALA A 200 -11.18 -2.63 -19.14
C ALA A 200 -12.57 -2.11 -18.76
N ASN A 201 -12.92 -2.11 -17.48
CA ASN A 201 -14.24 -1.66 -17.02
C ASN A 201 -14.08 -1.00 -15.67
N PRO A 202 -13.68 0.28 -15.63
CA PRO A 202 -13.30 0.88 -14.35
C PRO A 202 -14.45 1.05 -13.38
N VAL A 204 -15.87 3.80 -12.51
CA VAL A 204 -15.51 4.96 -11.71
C VAL A 204 -16.27 6.16 -12.28
N PRO A 205 -16.93 6.95 -11.44
CA PRO A 205 -17.69 8.09 -11.96
C PRO A 205 -16.79 9.07 -12.70
N GLY A 206 -17.24 9.48 -13.90
CA GLY A 206 -16.50 10.42 -14.72
C GLY A 206 -15.60 9.79 -15.77
N ILE A 207 -15.40 8.48 -15.74
CA ILE A 207 -14.58 7.78 -16.73
C ILE A 207 -15.54 7.16 -17.75
N HIS A 208 -15.63 7.78 -18.93
CA HIS A 208 -16.56 7.35 -19.96
C HIS A 208 -15.90 6.93 -21.25
N ASP A 209 -14.58 7.01 -21.34
CA ASP A 209 -13.83 6.51 -22.49
C ASP A 209 -12.86 5.44 -22.00
N LYS A 210 -12.33 4.65 -22.92
CA LYS A 210 -11.40 3.61 -22.54
C LYS A 210 -10.08 4.21 -22.06
N ILE A 211 -9.45 3.52 -21.11
CA ILE A 211 -8.12 3.91 -20.66
C ILE A 211 -7.11 3.56 -21.74
N ASN A 212 -6.23 4.50 -22.05
CA ASN A 212 -5.29 4.36 -23.18
C ASN A 212 -4.12 3.48 -22.76
N ILE A 213 -4.35 2.17 -22.87
CA ILE A 213 -3.33 1.17 -22.55
C ILE A 213 -2.53 0.86 -23.81
N PHE A 214 -1.21 0.79 -23.68
CA PHE A 214 -0.37 0.48 -24.84
C PHE A 214 -0.48 -1.00 -25.17
N LYS A 215 -0.72 -1.31 -26.44
CA LYS A 215 -0.87 -2.68 -26.91
C LYS A 215 0.44 -3.11 -27.58
N PHE A 216 1.12 -4.07 -26.97
CA PHE A 216 2.30 -4.67 -27.57
C PHE A 216 1.88 -5.81 -28.49
N GLU A 217 2.66 -6.03 -29.55
CA GLU A 217 2.40 -7.14 -30.46
C GLU A 217 2.79 -8.46 -29.79
N ARG A 218 2.11 -9.53 -30.20
CA ARG A 218 2.37 -10.84 -29.59
C ARG A 218 3.80 -11.31 -29.87
N ASP A 219 4.26 -11.16 -31.12
CA ASP A 219 5.63 -11.49 -31.44
C ASP A 219 6.60 -10.76 -30.51
N THR A 220 6.31 -9.50 -30.21
CA THR A 220 7.16 -8.73 -29.29
C THR A 220 7.09 -9.28 -27.87
N LEU A 221 5.89 -9.61 -27.41
CA LEU A 221 5.74 -10.14 -26.06
C LEU A 221 6.41 -11.50 -25.91
N GLU A 222 6.33 -12.33 -26.96
CA GLU A 222 6.96 -13.64 -26.89
C GLU A 222 8.48 -13.54 -26.88
N ARG A 223 9.04 -12.66 -27.72
CA ARG A 223 10.49 -12.48 -27.73
C ARG A 223 11.01 -11.99 -26.39
N ALA A 224 10.21 -11.23 -25.64
CA ALA A 224 10.62 -10.71 -24.34
C ALA A 224 10.41 -11.72 -23.22
N GLY A 225 9.82 -12.88 -23.50
CA GLY A 225 9.62 -13.89 -22.47
C GLY A 225 8.39 -13.68 -21.62
N VAL A 226 7.38 -12.98 -22.13
CA VAL A 226 6.15 -12.75 -21.38
C VAL A 226 5.28 -14.01 -21.44
N GLN A 227 4.83 -14.49 -20.29
CA GLN A 227 3.96 -15.65 -20.26
C GLN A 227 2.58 -15.31 -20.78
N ASP A 228 1.97 -16.26 -21.50
CA ASP A 228 0.73 -16.04 -22.21
C ASP A 228 -0.44 -16.46 -21.32
N HIS A 229 -0.84 -15.54 -20.43
CA HIS A 229 -1.88 -15.83 -19.46
C HIS A 229 -3.24 -15.98 -20.14
N ALA A 230 -4.19 -16.55 -19.40
CA ALA A 230 -5.56 -16.64 -19.89
C ALA A 230 -6.25 -15.28 -19.88
N THR A 231 -5.79 -14.37 -19.02
CA THR A 231 -6.33 -13.03 -18.97
C THR A 231 -5.68 -12.17 -20.04
N PRO A 232 -6.44 -11.60 -20.98
CA PRO A 232 -5.83 -10.77 -22.02
C PRO A 232 -5.30 -9.46 -21.45
N HIS A 233 -4.14 -9.04 -21.97
CA HIS A 233 -3.43 -7.83 -21.56
C HIS A 233 -3.40 -7.68 -20.03
N PRO A 234 -2.75 -8.59 -19.33
CA PRO A 234 -2.61 -8.44 -17.89
C PRO A 234 -1.56 -7.39 -17.57
N PRO A 235 -1.53 -6.88 -16.33
CA PRO A 235 -0.38 -6.10 -15.90
C PRO A 235 0.81 -7.00 -15.64
N PHE A 236 1.98 -6.38 -15.51
CA PHE A 236 3.17 -7.08 -15.08
C PHE A 236 3.26 -7.02 -13.56
N LEU A 237 3.72 -8.11 -12.95
CA LEU A 237 3.90 -8.19 -11.50
C LEU A 237 5.40 -8.32 -11.23
N VAL A 238 5.98 -7.30 -10.62
CA VAL A 238 7.43 -7.24 -10.48
C VAL A 238 7.84 -7.21 -9.01
N ILE A 239 9.05 -7.71 -8.77
CA ILE A 239 9.79 -7.48 -7.54
C ILE A 239 11.10 -6.80 -7.91
N ALA A 240 11.47 -5.77 -7.16
CA ALA A 240 12.74 -5.09 -7.35
C ALA A 240 13.37 -4.83 -5.98
N SER A 241 14.68 -4.67 -5.97
CA SER A 241 15.39 -4.52 -4.70
C SER A 241 16.66 -3.70 -4.89
N ASN A 242 16.97 -2.90 -3.87
CA ASN A 242 18.24 -2.19 -3.80
C ASN A 242 19.29 -2.98 -3.03
N ASP A 243 18.93 -4.13 -2.47
CA ASP A 243 19.86 -5.01 -1.80
C ASP A 243 20.23 -6.17 -2.71
N ILE A 244 21.48 -6.62 -2.63
CA ILE A 244 21.97 -7.70 -3.47
C ILE A 244 22.52 -8.81 -2.59
N SER A 245 22.58 -10.01 -3.17
CA SER A 245 23.11 -11.17 -2.45
C SER A 245 24.57 -10.93 -2.07
N GLU A 246 24.85 -11.04 -0.77
CA GLU A 246 26.23 -10.89 -0.31
C GLU A 246 27.11 -12.01 -0.83
N GLU A 247 26.57 -13.23 -0.89
CA GLU A 247 27.37 -14.37 -1.36
C GLU A 247 27.74 -14.22 -2.83
N LEU A 248 26.78 -13.79 -3.66
CA LEU A 248 27.02 -13.73 -5.09
C LEU A 248 27.85 -12.51 -5.48
N ALA A 249 27.77 -11.42 -4.72
CA ALA A 249 28.61 -10.26 -4.97
C ALA A 249 30.07 -10.54 -4.61
N ALA A 250 30.33 -11.55 -3.78
CA ALA A 250 31.67 -11.96 -3.42
C ALA A 250 32.26 -12.96 -4.41
N ALA A 251 31.53 -13.31 -5.45
CA ALA A 251 32.04 -14.24 -6.45
C ALA A 251 33.15 -13.61 -7.27
N GLU A 252 33.88 -14.46 -7.98
CA GLU A 252 34.91 -14.00 -8.91
C GLU A 252 34.60 -14.53 -10.30
N PRO A 253 34.06 -13.68 -11.18
CA PRO A 253 33.75 -12.25 -10.95
C PRO A 253 32.43 -12.04 -10.20
N PRO A 254 32.27 -10.88 -9.57
CA PRO A 254 31.05 -10.62 -8.80
C PRO A 254 29.80 -10.69 -9.66
N LEU A 255 28.77 -11.33 -9.11
CA LEU A 255 27.47 -11.45 -9.76
C LEU A 255 26.45 -10.68 -8.94
N PHE A 256 25.76 -9.74 -9.59
CA PHE A 256 24.85 -8.84 -8.92
C PHE A 256 23.43 -9.39 -8.98
N TRP A 257 22.88 -9.74 -7.82
CA TRP A 257 21.65 -10.52 -7.70
C TRP A 257 20.74 -9.82 -6.71
N PRO A 258 19.85 -8.96 -7.18
CA PRO A 258 18.96 -8.22 -6.27
C PRO A 258 18.01 -9.17 -5.55
N GLU A 259 17.89 -9.00 -4.24
CA GLU A 259 17.12 -9.92 -3.44
C GLU A 259 16.44 -9.16 -2.31
N ARG A 260 15.38 -9.74 -1.78
CA ARG A 260 14.69 -9.22 -0.60
C ARG A 260 14.67 -10.31 0.45
N ARG A 261 15.50 -10.15 1.48
CA ARG A 261 15.82 -11.20 2.43
C ARG A 261 14.96 -11.01 3.68
N TYR A 262 14.02 -11.92 3.89
CA TYR A 262 13.13 -11.95 5.04
C TYR A 262 13.56 -13.05 6.01
N PRO A 263 13.10 -13.00 7.26
CA PRO A 263 13.45 -14.07 8.21
C PRO A 263 13.05 -15.45 7.75
N TRP A 264 12.02 -15.57 6.91
CA TRP A 264 11.49 -16.85 6.49
C TRP A 264 11.94 -17.27 5.10
N GLY A 265 12.69 -16.43 4.38
CA GLY A 265 13.11 -16.76 3.04
C GLY A 265 13.43 -15.52 2.24
N THR A 266 13.96 -15.75 1.03
CA THR A 266 14.50 -14.68 0.20
C THR A 266 13.79 -14.66 -1.15
N ALA A 267 13.16 -13.53 -1.47
CA ALA A 267 12.64 -13.29 -2.81
C ALA A 267 13.72 -12.71 -3.71
N GLU A 268 13.70 -13.09 -4.99
CA GLU A 268 14.76 -12.74 -5.92
C GLU A 268 14.15 -11.99 -7.11
N ALA A 269 14.67 -10.78 -7.37
CA ALA A 269 14.09 -9.93 -8.40
C ALA A 269 14.32 -10.48 -9.81
N PHE A 270 15.41 -11.21 -10.03
CA PHE A 270 15.72 -11.75 -11.34
C PHE A 270 15.18 -13.16 -11.54
N ASN A 271 14.45 -13.70 -10.57
CA ASN A 271 13.89 -15.05 -10.65
C ASN A 271 12.56 -14.97 -11.39
N LYS A 272 12.50 -15.61 -12.57
CA LYS A 272 11.30 -15.54 -13.39
C LYS A 272 10.09 -16.10 -12.67
N GLU A 273 10.30 -16.97 -11.71
CA GLU A 273 9.20 -17.54 -10.94
C GLU A 273 8.78 -16.65 -9.78
N HIS A 274 9.54 -15.60 -9.48
CA HIS A 274 9.16 -14.63 -8.46
C HIS A 274 8.67 -13.32 -9.05
N SER A 275 9.17 -12.94 -10.22
CA SER A 275 9.06 -11.56 -10.68
C SER A 275 9.06 -11.50 -12.20
N ASP A 276 8.24 -10.60 -12.75
CA ASP A 276 8.24 -10.29 -14.17
C ASP A 276 9.30 -9.28 -14.56
N LEU A 277 10.24 -8.97 -13.65
CA LEU A 277 11.13 -7.83 -13.87
C LEU A 277 11.99 -8.01 -15.11
N LEU A 278 12.57 -9.20 -15.29
CA LEU A 278 13.44 -9.40 -16.45
C LEU A 278 12.65 -9.33 -17.74
N ALA A 279 11.41 -9.82 -17.75
CA ALA A 279 10.58 -9.74 -18.94
C ALA A 279 10.21 -8.29 -19.25
N VAL A 280 9.92 -7.50 -18.20
CA VAL A 280 9.62 -6.08 -18.38
C VAL A 280 10.81 -5.35 -18.99
N ARG A 281 12.02 -5.64 -18.49
CA ARG A 281 13.21 -4.97 -19.01
C ARG A 281 13.50 -5.38 -20.45
N ALA A 282 13.39 -6.67 -20.76
CA ALA A 282 13.59 -7.10 -22.13
C ALA A 282 12.55 -6.48 -23.06
N LEU A 283 11.31 -6.37 -22.60
CA LEU A 283 10.26 -5.76 -23.41
C LEU A 283 10.56 -4.29 -23.67
N LEU A 284 10.74 -3.51 -22.60
CA LEU A 284 10.84 -2.07 -22.72
C LEU A 284 12.21 -1.61 -23.22
N LYS A 286 14.42 -3.43 -25.08
CA LYS A 286 14.95 -4.10 -26.27
C LYS A 286 13.88 -4.47 -27.30
N GLU A 287 12.92 -5.31 -26.90
CA GLU A 287 12.05 -5.92 -27.91
C GLU A 287 11.05 -4.95 -28.48
N ALA A 288 10.57 -3.99 -27.68
CA ALA A 288 9.53 -3.06 -28.10
C ALA A 288 10.09 -1.73 -28.59
N LEU A 289 11.40 -1.62 -28.77
CA LEU A 289 12.02 -0.35 -29.16
C LEU A 289 11.41 0.19 -30.45
N GLU A 290 11.19 -0.67 -31.43
CA GLU A 290 10.72 -0.21 -32.73
C GLU A 290 9.28 0.29 -32.66
N GLU A 291 8.38 -0.51 -32.08
CA GLU A 291 6.97 -0.14 -32.07
C GLU A 291 6.68 1.02 -31.12
N ILE A 292 7.57 1.29 -30.17
CA ILE A 292 7.43 2.51 -29.37
C ILE A 292 7.85 3.74 -30.20
N SER A 293 8.92 3.60 -30.99
CA SER A 293 9.39 4.72 -31.81
C SER A 293 8.46 4.99 -32.99
N LYS A 294 7.82 3.95 -33.52
CA LYS A 294 6.96 4.12 -34.70
C LYS A 294 5.81 5.08 -34.41
N THR A 295 5.10 4.85 -33.31
CA THR A 295 3.94 5.64 -32.92
C THR A 295 4.29 7.04 -32.40
N LYS A 296 5.54 7.48 -32.53
CA LYS A 296 5.95 8.75 -31.98
C LYS A 296 5.40 9.93 -32.79
N ARG A 297 5.49 9.85 -34.12
CA ARG A 297 5.03 10.95 -34.96
C ARG A 297 3.51 11.10 -34.90
N ALA A 298 2.78 9.99 -34.81
CA ALA A 298 1.33 10.06 -34.73
C ALA A 298 0.88 10.75 -33.45
N ARG A 299 1.45 10.34 -32.31
CA ARG A 299 1.08 10.96 -31.04
C ARG A 299 1.30 12.46 -31.07
N TYR A 300 2.52 12.89 -31.43
CA TYR A 300 2.82 14.31 -31.51
C TYR A 300 1.90 15.03 -32.48
N GLU A 301 1.52 14.36 -33.56
CA GLU A 301 0.63 14.98 -34.55
C GLU A 301 -0.74 15.26 -33.93
N ALA A 302 -1.28 14.30 -33.19
CA ALA A 302 -2.56 14.52 -32.52
C ALA A 302 -2.45 15.64 -31.49
N TRP A 303 -1.29 15.75 -30.84
CA TRP A 303 -1.10 16.80 -29.84
C TRP A 303 -1.13 18.19 -30.47
N ARG A 304 -0.73 18.31 -31.73
CA ARG A 304 -0.54 19.62 -32.34
C ARG A 304 -1.82 20.43 -32.46
N ARG A 305 -2.98 19.77 -32.43
CA ARG A 305 -4.26 20.48 -32.37
C ARG A 305 -4.43 21.02 -30.96
N THR A 306 -3.72 22.12 -30.67
CA THR A 306 -3.72 22.72 -29.34
C THR A 306 -3.58 24.24 -29.43
N LYS B 20 -27.38 -8.77 38.85
CA LYS B 20 -26.99 -8.40 40.21
C LYS B 20 -25.79 -9.22 40.67
N ILE B 21 -25.61 -10.39 40.07
CA ILE B 21 -24.51 -11.27 40.43
C ILE B 21 -23.34 -11.03 39.49
N TRP B 22 -23.57 -11.20 38.19
CA TRP B 22 -22.55 -10.88 37.20
C TRP B 22 -22.59 -9.40 36.84
N LYS B 23 -21.41 -8.83 36.66
CA LYS B 23 -21.26 -7.46 36.20
C LYS B 23 -20.81 -7.48 34.75
N LYS B 24 -21.58 -6.85 33.87
CA LYS B 24 -21.24 -6.82 32.45
C LYS B 24 -20.42 -5.58 32.13
N LYS B 25 -19.25 -5.80 31.52
CA LYS B 25 -18.40 -4.72 31.06
C LYS B 25 -18.24 -4.81 29.54
N TYR B 26 -18.14 -3.65 28.89
CA TYR B 26 -18.17 -3.56 27.44
C TYR B 26 -16.92 -2.85 26.93
N ILE B 27 -16.36 -3.36 25.83
CA ILE B 27 -15.30 -2.71 25.09
C ILE B 27 -15.69 -2.71 23.63
N LYS B 28 -15.55 -1.56 22.96
CA LYS B 28 -15.79 -1.48 21.53
C LYS B 28 -14.61 -0.79 20.87
N LEU B 29 -13.97 -1.49 19.94
CA LEU B 29 -12.94 -0.93 19.07
C LEU B 29 -13.53 -0.66 17.70
N ILE B 30 -12.93 0.31 16.99
CA ILE B 30 -13.26 0.56 15.60
C ILE B 30 -11.94 0.56 14.82
N VAL B 31 -11.97 -0.04 13.63
CA VAL B 31 -10.78 -0.25 12.81
C VAL B 31 -10.94 0.56 11.53
N VAL B 32 -9.96 1.43 11.26
CA VAL B 32 -9.99 2.29 10.09
C VAL B 32 -8.65 2.22 9.38
N GLY B 33 -8.64 2.64 8.13
CA GLY B 33 -7.43 2.68 7.33
C GLY B 33 -7.76 2.68 5.87
N ASP B 34 -6.71 2.80 5.06
CA ASP B 34 -6.90 2.82 3.61
C ASP B 34 -7.39 1.45 3.12
N SER B 35 -7.87 1.44 1.87
CA SER B 35 -8.45 0.23 1.31
C SER B 35 -7.40 -0.86 1.10
N GLY B 36 -7.79 -2.09 1.37
CA GLY B 36 -6.95 -3.23 1.06
C GLY B 36 -5.73 -3.39 1.94
N LEU B 37 -5.71 -2.77 3.12
CA LEU B 37 -4.58 -2.88 4.02
C LEU B 37 -4.64 -4.12 4.91
N GLY B 38 -5.70 -4.91 4.82
CA GLY B 38 -5.85 -6.08 5.66
C GLY B 38 -6.65 -5.86 6.93
N LYS B 39 -7.50 -4.83 6.96
CA LYS B 39 -8.22 -4.49 8.19
C LYS B 39 -9.13 -5.63 8.64
N THR B 40 -9.93 -6.18 7.73
CA THR B 40 -10.88 -7.22 8.10
C THR B 40 -10.17 -8.52 8.47
N THR B 41 -9.09 -8.85 7.77
CA THR B 41 -8.29 -10.01 8.15
C THR B 41 -7.75 -9.86 9.57
N LEU B 42 -7.26 -8.67 9.90
CA LEU B 42 -6.74 -8.43 11.25
C LEU B 42 -7.83 -8.60 12.30
N ILE B 43 -9.03 -8.07 12.03
CA ILE B 43 -10.12 -8.16 13.00
C ILE B 43 -10.44 -9.61 13.32
N LYS B 44 -10.56 -10.45 12.28
CA LYS B 44 -10.90 -11.84 12.51
C LYS B 44 -9.82 -12.58 13.28
N SER B 45 -8.55 -12.16 13.12
CA SER B 45 -7.48 -12.75 13.93
C SER B 45 -7.53 -12.28 15.37
N LEU B 46 -7.93 -11.03 15.60
CA LEU B 46 -8.02 -10.52 16.97
C LEU B 46 -9.19 -11.14 17.72
N ILE B 47 -10.35 -11.23 17.07
CA ILE B 47 -11.56 -11.73 17.73
C ILE B 47 -11.52 -13.22 17.99
N SER B 48 -10.60 -13.95 17.37
CA SER B 48 -10.54 -15.40 17.48
C SER B 48 -9.61 -15.83 18.62
N ILE B 49 -9.99 -15.43 19.83
CA ILE B 49 -9.26 -15.90 21.01
C ILE B 49 -9.38 -17.41 21.10
N PRO B 50 -8.28 -18.15 21.24
CA PRO B 50 -8.39 -19.60 21.46
C PRO B 50 -9.27 -19.90 22.67
N GLY B 51 -10.16 -20.87 22.51
CA GLY B 51 -11.21 -21.11 23.48
C GLY B 51 -12.57 -20.77 22.90
N GLU B 52 -12.69 -19.55 22.35
CA GLU B 52 -13.89 -19.14 21.65
C GLU B 52 -13.80 -19.54 20.18
N ARG B 53 -14.85 -19.23 19.41
CA ARG B 53 -14.93 -19.71 18.04
C ARG B 53 -13.91 -19.01 17.15
N LEU B 54 -13.49 -19.72 16.11
CA LEU B 54 -12.54 -19.20 15.14
C LEU B 54 -13.29 -18.47 14.04
N GLN B 55 -13.04 -17.18 13.91
CA GLN B 55 -13.63 -16.35 12.86
C GLN B 55 -12.58 -16.03 11.83
N VAL B 56 -12.95 -16.11 10.55
CA VAL B 56 -12.01 -15.99 9.45
C VAL B 56 -12.67 -15.25 8.28
N HIS B 57 -11.86 -14.58 7.48
CA HIS B 57 -12.30 -13.71 6.41
C HIS B 57 -11.99 -14.33 5.05
N ASP B 58 -12.76 -13.94 4.03
CA ASP B 58 -12.63 -14.50 2.69
C ASP B 58 -11.89 -13.59 1.71
N GLY B 59 -11.41 -12.42 2.16
CA GLY B 59 -10.61 -11.55 1.32
C GLY B 59 -11.37 -10.52 0.53
N SER B 60 -12.70 -10.59 0.48
CA SER B 60 -13.48 -9.62 -0.28
C SER B 60 -13.48 -8.26 0.43
N TYR B 61 -13.70 -7.21 -0.37
N TYR B 61 -13.69 -7.21 -0.36
CA TYR B 61 -13.71 -5.86 0.15
CA TYR B 61 -13.62 -5.86 0.19
C TYR B 61 -14.86 -5.66 1.12
C TYR B 61 -14.88 -5.53 0.99
N THR B 62 -14.71 -4.65 1.98
CA THR B 62 -15.82 -4.25 2.85
C THR B 62 -16.54 -3.08 2.18
N PRO B 63 -17.80 -3.24 1.78
CA PRO B 63 -18.46 -2.21 0.96
C PRO B 63 -18.92 -1.01 1.77
N THR B 64 -18.77 0.17 1.18
CA THR B 64 -19.24 1.40 1.82
C THR B 64 -20.74 1.33 2.12
N GLU B 65 -21.54 0.90 1.15
CA GLU B 65 -23.00 0.87 1.34
C GLU B 65 -23.41 -0.08 2.45
N GLN B 66 -22.68 -1.19 2.64
CA GLN B 66 -23.01 -2.10 3.73
C GLN B 66 -22.84 -1.43 5.07
N PHE B 67 -21.73 -0.70 5.26
CA PHE B 67 -21.53 0.04 6.50
C PHE B 67 -22.62 1.08 6.71
N ARG B 68 -23.08 1.71 5.62
CA ARG B 68 -24.14 2.71 5.74
C ARG B 68 -25.49 2.04 5.97
N ARG B 69 -25.79 0.98 5.21
CA ARG B 69 -27.09 0.33 5.32
C ARG B 69 -27.18 -0.64 6.50
N ASP B 70 -26.05 -1.14 7.00
CA ASP B 70 -26.08 -2.19 8.00
C ASP B 70 -24.76 -2.32 8.74
N PRO B 71 -24.42 -1.36 9.62
CA PRO B 71 -23.12 -1.43 10.30
C PRO B 71 -22.98 -2.62 11.24
N GLU B 72 -24.08 -3.10 11.82
CA GLU B 72 -24.00 -4.25 12.73
C GLU B 72 -23.51 -5.49 12.02
N SER B 73 -23.82 -5.64 10.72
CA SER B 73 -23.34 -6.78 9.96
C SER B 73 -21.83 -6.77 9.78
N LEU B 74 -21.17 -5.65 10.07
CA LEU B 74 -19.72 -5.54 9.99
C LEU B 74 -19.08 -5.50 11.37
N SER B 75 -19.82 -5.82 12.42
CA SER B 75 -19.29 -5.83 13.78
C SER B 75 -19.07 -7.28 14.23
N SER B 76 -17.90 -7.55 14.79
CA SER B 76 -17.58 -8.86 15.35
C SER B 76 -17.63 -8.78 16.86
N THR B 77 -18.09 -9.86 17.49
CA THR B 77 -18.29 -9.89 18.94
C THR B 77 -17.74 -11.17 19.53
N VAL B 78 -17.11 -11.04 20.70
CA VAL B 78 -16.74 -12.18 21.52
C VAL B 78 -17.00 -11.80 22.97
N SER B 79 -17.36 -12.81 23.77
CA SER B 79 -17.70 -12.59 25.16
C SER B 79 -17.14 -13.73 26.00
N TRP B 80 -16.68 -13.40 27.21
CA TRP B 80 -16.16 -14.41 28.13
C TRP B 80 -16.40 -13.94 29.55
N ARG B 81 -16.13 -14.82 30.51
CA ARG B 81 -16.39 -14.56 31.91
C ARG B 81 -15.10 -14.55 32.70
N ASP B 82 -15.04 -13.65 33.69
CA ASP B 82 -13.96 -13.60 34.67
C ASP B 82 -14.57 -14.02 36.00
N GLU B 83 -14.37 -15.29 36.36
CA GLU B 83 -15.04 -15.85 37.54
C GLU B 83 -14.61 -15.17 38.83
N GLU B 84 -13.33 -14.82 38.95
CA GLU B 84 -12.83 -14.21 40.18
C GLU B 84 -13.50 -12.86 40.42
N ASP B 85 -13.41 -11.95 39.45
CA ASP B 85 -14.02 -10.64 39.56
C ASP B 85 -15.52 -10.66 39.31
N ARG B 86 -16.08 -11.80 38.90
CA ARG B 86 -17.50 -11.92 38.57
C ARG B 86 -17.89 -10.90 37.51
N VAL B 87 -17.11 -10.87 36.44
CA VAL B 87 -17.29 -9.93 35.33
C VAL B 87 -17.55 -10.72 34.06
N ILE B 88 -18.50 -10.25 33.27
CA ILE B 88 -18.75 -10.77 31.93
C ILE B 88 -18.31 -9.69 30.94
N TRP B 89 -17.26 -9.98 30.18
CA TRP B 89 -16.74 -9.04 29.19
C TRP B 89 -17.46 -9.24 27.86
N VAL B 90 -17.95 -8.15 27.28
CA VAL B 90 -18.61 -8.15 25.97
C VAL B 90 -17.78 -7.26 25.06
N TYR B 91 -17.02 -7.88 24.16
CA TYR B 91 -16.01 -7.21 23.35
C TYR B 91 -16.48 -7.13 21.90
N LYS B 92 -16.55 -5.92 21.35
CA LYS B 92 -16.95 -5.72 19.96
C LYS B 92 -15.86 -4.99 19.20
N ILE B 93 -15.71 -5.35 17.92
CA ILE B 93 -14.78 -4.70 17.01
C ILE B 93 -15.56 -4.30 15.76
N GLN B 94 -15.70 -3.01 15.53
CA GLN B 94 -16.45 -2.50 14.38
C GLN B 94 -15.51 -2.35 13.19
N ASP B 95 -15.86 -3.03 12.09
CA ASP B 95 -15.15 -2.91 10.83
C ASP B 95 -15.70 -1.72 10.04
N THR B 96 -14.86 -1.14 9.20
CA THR B 96 -15.24 -0.04 8.34
C THR B 96 -14.64 -0.27 6.96
N PRO B 97 -15.25 0.29 5.92
CA PRO B 97 -14.59 0.27 4.61
C PRO B 97 -13.37 1.18 4.61
N GLY B 98 -12.38 0.81 3.82
CA GLY B 98 -11.21 1.65 3.67
C GLY B 98 -11.55 2.98 3.05
N TYR B 99 -10.77 4.01 3.40
CA TYR B 99 -11.08 5.35 2.91
C TYR B 99 -10.54 5.62 1.52
N GLY B 100 -10.04 4.61 0.81
CA GLY B 100 -9.80 4.71 -0.62
C GLY B 100 -10.90 4.15 -1.48
N ASP B 101 -12.07 3.87 -0.89
CA ASP B 101 -13.15 3.21 -1.61
C ASP B 101 -13.77 4.13 -2.67
N GLU B 102 -13.92 5.40 -2.36
CA GLU B 102 -14.44 6.39 -3.28
C GLU B 102 -13.35 7.41 -3.61
N LEU B 103 -13.72 8.41 -4.41
CA LEU B 103 -12.73 9.37 -4.91
C LEU B 103 -12.35 10.44 -3.89
N ASP B 104 -13.15 10.63 -2.84
CA ASP B 104 -12.88 11.63 -1.82
C ASP B 104 -12.72 10.96 -0.47
N VAL B 105 -11.58 11.17 0.17
CA VAL B 105 -11.27 10.51 1.44
C VAL B 105 -12.13 11.06 2.57
N PHE B 106 -12.56 12.32 2.47
CA PHE B 106 -13.18 12.95 3.62
C PHE B 106 -14.65 12.58 3.79
N ARG B 107 -15.29 12.01 2.76
CA ARG B 107 -16.62 11.43 2.97
C ARG B 107 -16.55 10.23 3.91
N ASN B 108 -15.52 9.39 3.75
CA ASN B 108 -15.35 8.25 4.64
C ASN B 108 -15.09 8.70 6.07
N LEU B 109 -14.23 9.72 6.24
CA LEU B 109 -13.93 10.23 7.57
C LEU B 109 -15.21 10.67 8.29
N LYS B 110 -16.06 11.44 7.60
CA LYS B 110 -17.30 11.93 8.20
C LYS B 110 -18.22 10.77 8.57
N VAL B 112 -17.33 7.74 9.44
CA VAL B 112 -16.81 7.09 10.64
C VAL B 112 -17.04 7.97 11.87
N GLN B 113 -16.77 9.27 11.75
CA GLN B 113 -17.01 10.18 12.87
C GLN B 113 -18.48 10.18 13.27
N ASP B 114 -19.39 10.11 12.28
CA ASP B 114 -20.81 10.07 12.61
C ASP B 114 -21.17 8.78 13.32
N TYR B 115 -20.55 7.66 12.96
CA TYR B 115 -20.80 6.42 13.69
C TYR B 115 -20.41 6.56 15.16
N ILE B 116 -19.22 7.08 15.41
CA ILE B 116 -18.77 7.27 16.80
C ILE B 116 -19.71 8.21 17.54
N GLU B 117 -20.12 9.30 16.88
CA GLU B 117 -21.05 10.24 17.52
C GLU B 117 -22.39 9.58 17.79
N SER B 118 -22.84 8.69 16.90
CA SER B 118 -24.13 8.03 17.07
C SER B 118 -24.15 7.18 18.34
N GLN B 119 -23.04 6.51 18.65
CA GLN B 119 -23.02 5.65 19.83
C GLN B 119 -23.06 6.47 21.11
N ASN B 120 -22.40 7.63 21.11
CA ASN B 120 -22.50 8.53 22.25
C ASN B 120 -23.93 9.01 22.44
N ARG B 121 -24.63 9.32 21.34
CA ARG B 121 -26.04 9.72 21.43
C ARG B 121 -26.89 8.59 21.97
N LYS B 122 -26.62 7.35 21.54
CA LYS B 122 -27.37 6.21 22.06
C LYS B 122 -27.17 6.06 23.57
N TRP B 123 -25.94 6.25 24.03
CA TRP B 123 -25.68 6.21 25.47
C TRP B 123 -26.43 7.33 26.18
N LEU B 124 -26.39 8.53 25.61
CA LEU B 124 -27.04 9.68 26.25
C LEU B 124 -28.54 9.45 26.41
N GLU B 125 -29.17 8.77 25.45
CA GLU B 125 -30.60 8.52 25.55
C GLU B 125 -30.90 7.46 26.60
N LEU B 126 -30.06 6.42 26.69
CA LEU B 126 -30.27 5.39 27.70
C LEU B 126 -30.05 5.96 29.10
N GLU B 127 -29.10 6.88 29.24
CA GLU B 127 -28.85 7.50 30.54
C GLU B 127 -30.01 8.40 30.94
N GLN B 128 -30.62 9.06 29.97
CA GLN B 128 -31.76 9.91 30.27
C GLN B 128 -33.02 9.11 30.61
N ALA B 129 -33.11 7.86 30.16
CA ALA B 129 -34.29 7.06 30.46
C ALA B 129 -34.33 6.65 31.92
N ARG B 130 -33.20 6.21 32.47
CA ARG B 130 -33.13 5.80 33.86
C ARG B 130 -32.85 6.99 34.78
N ILE B 139 -27.14 0.00 30.86
CA ILE B 139 -27.28 -1.29 30.19
C ILE B 139 -26.13 -1.40 29.18
N GLU B 140 -26.33 -2.12 28.07
CA GLU B 140 -25.25 -2.41 27.14
C GLU B 140 -24.69 -1.12 26.53
N ASP B 141 -23.38 -0.94 26.70
CA ASP B 141 -22.69 0.28 26.30
C ASP B 141 -22.29 0.18 24.84
N PRO B 142 -22.80 1.05 23.96
CA PRO B 142 -22.40 1.02 22.54
C PRO B 142 -21.23 1.94 22.20
N ARG B 143 -20.69 2.67 23.17
CA ARG B 143 -19.70 3.70 22.87
C ARG B 143 -18.37 3.09 22.44
N VAL B 144 -17.74 3.74 21.46
CA VAL B 144 -16.43 3.34 20.97
C VAL B 144 -15.36 3.79 21.94
N ASP B 145 -14.45 2.89 22.30
CA ASP B 145 -13.37 3.13 23.25
C ASP B 145 -12.06 3.50 22.57
N LEU B 146 -11.67 2.76 21.53
CA LEU B 146 -10.40 2.93 20.87
C LEU B 146 -10.56 2.78 19.37
N CYS B 147 -9.68 3.43 18.63
CA CYS B 147 -9.56 3.24 17.19
C CYS B 147 -8.22 2.58 16.89
N ILE B 148 -8.26 1.43 16.23
CA ILE B 148 -7.08 0.82 15.64
C ILE B 148 -6.90 1.43 14.25
N PHE B 149 -5.85 2.22 14.08
CA PHE B 149 -5.60 2.90 12.81
C PHE B 149 -4.54 2.10 12.05
N CYS B 150 -4.95 1.46 10.96
CA CYS B 150 -4.05 0.64 10.17
C CYS B 150 -3.26 1.52 9.21
N ILE B 151 -1.93 1.43 9.29
CA ILE B 151 -1.01 2.25 8.52
C ILE B 151 -0.36 1.39 7.45
N PRO B 152 -0.24 1.87 6.21
CA PRO B 152 0.38 1.05 5.17
C PRO B 152 1.87 0.89 5.42
N PRO B 153 2.46 -0.22 4.98
CA PRO B 153 3.91 -0.39 5.14
C PRO B 153 4.68 0.55 4.23
N HIS B 154 5.89 0.88 4.66
CA HIS B 154 6.90 1.62 3.89
C HIS B 154 6.66 3.13 3.82
N ARG B 155 5.41 3.58 3.79
CA ARG B 155 5.16 5.01 3.58
C ARG B 155 3.90 5.47 4.28
N LEU B 156 4.04 6.51 5.11
CA LEU B 156 2.93 7.16 5.79
C LEU B 156 2.71 8.52 5.15
N ARG B 157 1.54 8.74 4.56
CA ARG B 157 1.25 9.89 3.73
C ARG B 157 0.54 10.98 4.52
N PRO B 158 0.61 12.23 4.06
CA PRO B 158 -0.11 13.32 4.75
C PRO B 158 -1.59 13.04 4.95
N ILE B 159 -2.26 12.38 4.00
CA ILE B 159 -3.69 12.11 4.15
C ILE B 159 -3.94 11.10 5.28
N ASP B 160 -3.02 10.16 5.49
CA ASP B 160 -3.16 9.23 6.61
C ASP B 160 -3.02 9.95 7.94
N LEU B 161 -2.07 10.88 8.04
CA LEU B 161 -1.91 11.65 9.27
C LEU B 161 -3.10 12.57 9.51
N LYS B 162 -3.60 13.21 8.46
CA LYS B 162 -4.79 14.05 8.61
C LYS B 162 -5.99 13.23 9.07
N TYR B 163 -6.19 12.05 8.48
CA TYR B 163 -7.31 11.21 8.88
C TYR B 163 -7.20 10.81 10.34
N PHE B 165 -5.53 12.30 12.69
CA PHE B 165 -5.68 13.48 13.52
C PHE B 165 -7.16 13.81 13.74
N GLU B 166 -7.94 13.89 12.67
CA GLU B 166 -9.35 14.25 12.79
C GLU B 166 -10.13 13.18 13.54
N LEU B 167 -9.79 11.91 13.30
CA LEU B 167 -10.43 10.84 14.06
C LEU B 167 -10.06 10.90 15.53
N GLY B 168 -8.81 11.28 15.82
CA GLY B 168 -8.35 11.38 17.19
C GLY B 168 -9.09 12.40 18.04
N LYS B 169 -9.74 13.37 17.38
CA LYS B 169 -10.59 14.31 18.11
C LYS B 169 -11.79 13.64 18.73
N HIS B 170 -12.15 12.43 18.28
CA HIS B 170 -13.30 11.69 18.77
C HIS B 170 -12.96 10.48 19.60
N VAL B 171 -11.81 9.84 19.33
CA VAL B 171 -11.44 8.59 19.99
C VAL B 171 -9.93 8.44 19.94
N PRO B 172 -9.29 7.95 21.01
CA PRO B 172 -7.84 7.75 20.95
C PRO B 172 -7.45 6.67 19.95
N VAL B 173 -6.24 6.78 19.42
CA VAL B 173 -5.79 6.00 18.28
C VAL B 173 -4.68 5.06 18.69
N VAL B 174 -4.69 3.86 18.13
CA VAL B 174 -3.59 2.90 18.28
C VAL B 174 -3.00 2.64 16.89
N PRO B 175 -1.80 3.13 16.60
CA PRO B 175 -1.24 2.97 15.24
C PRO B 175 -0.70 1.56 15.04
N VAL B 176 -1.17 0.91 13.97
CA VAL B 176 -0.75 -0.45 13.62
C VAL B 176 -0.34 -0.46 12.15
N VAL B 177 0.90 -0.85 11.88
CA VAL B 177 1.36 -1.06 10.51
C VAL B 177 1.02 -2.49 10.10
N THR B 178 0.14 -2.62 9.12
CA THR B 178 -0.25 -3.93 8.64
C THR B 178 0.68 -4.41 7.53
N LYS B 179 0.51 -5.67 7.14
CA LYS B 179 1.29 -6.29 6.06
C LYS B 179 2.78 -6.17 6.32
N ALA B 180 3.19 -6.42 7.56
CA ALA B 180 4.59 -6.29 7.94
C ALA B 180 5.51 -7.26 7.20
N ASP B 181 4.96 -8.26 6.52
CA ASP B 181 5.79 -9.08 5.64
C ASP B 181 6.19 -8.35 4.36
N THR B 182 5.75 -7.09 4.19
CA THR B 182 6.20 -6.26 3.09
C THR B 182 7.61 -5.73 3.31
N THR B 184 11.65 -5.90 5.01
CA THR B 184 12.75 -6.60 5.64
C THR B 184 12.95 -6.07 7.06
N ILE B 185 13.80 -6.74 7.82
CA ILE B 185 14.06 -6.32 9.20
C ILE B 185 14.59 -4.89 9.24
N ARG B 186 15.57 -4.59 8.38
CA ARG B 186 16.14 -3.25 8.36
C ARG B 186 15.10 -2.20 7.96
N GLU B 187 14.34 -2.47 6.91
CA GLU B 187 13.29 -1.55 6.50
C GLU B 187 12.26 -1.35 7.62
N ALA B 188 11.91 -2.43 8.31
CA ALA B 188 10.91 -2.35 9.37
C ALA B 188 11.40 -1.51 10.54
N ASN B 189 12.66 -1.70 10.96
CA ASN B 189 13.21 -0.90 12.04
C ASN B 189 13.25 0.58 11.67
N THR B 190 13.64 0.88 10.43
CA THR B 190 13.63 2.26 9.97
C THR B 190 12.21 2.83 9.95
N TYR B 191 11.25 2.04 9.45
CA TYR B 191 9.89 2.54 9.29
C TYR B 191 9.21 2.76 10.64
N ARG B 192 9.43 1.83 11.58
CA ARG B 192 8.85 1.98 12.92
C ARG B 192 9.24 3.32 13.53
N THR B 193 10.50 3.71 13.37
CA THR B 193 10.94 5.01 13.88
C THR B 193 10.35 6.16 13.07
N GLU B 194 10.32 6.03 11.74
CA GLU B 194 9.76 7.07 10.90
C GLU B 194 8.30 7.35 11.27
N VAL B 195 7.51 6.29 11.48
CA VAL B 195 6.10 6.44 11.80
C VAL B 195 5.94 7.17 13.13
N ALA B 196 6.67 6.72 14.16
CA ALA B 196 6.59 7.36 15.46
C ALA B 196 6.99 8.83 15.37
N ASN B 197 8.02 9.14 14.58
CA ASN B 197 8.45 10.53 14.44
C ASN B 197 7.42 11.37 13.71
N ARG B 198 6.82 10.83 12.65
CA ARG B 198 5.82 11.60 11.90
C ARG B 198 4.56 11.83 12.72
N ILE B 199 4.15 10.84 13.52
CA ILE B 199 2.98 11.01 14.36
C ILE B 199 3.20 12.12 15.38
N ALA B 200 4.42 12.21 15.91
CA ALA B 200 4.73 13.27 16.87
C ALA B 200 4.99 14.61 16.21
N ASN B 201 5.32 14.63 14.91
CA ASN B 201 5.62 15.87 14.20
C ASN B 201 5.15 15.73 12.76
N PRO B 202 3.84 15.85 12.52
CA PRO B 202 3.31 15.51 11.18
C PRO B 202 3.79 16.46 10.09
N VAL B 204 1.97 18.64 8.51
CA VAL B 204 0.89 18.61 7.53
C VAL B 204 0.04 19.85 7.74
N PRO B 205 -0.22 20.65 6.71
CA PRO B 205 -1.08 21.81 6.87
C PRO B 205 -2.47 21.41 7.36
N GLY B 206 -2.99 22.17 8.32
CA GLY B 206 -4.26 21.87 8.93
C GLY B 206 -4.19 21.00 10.16
N ILE B 207 -3.02 20.47 10.50
CA ILE B 207 -2.82 19.73 11.73
C ILE B 207 -2.01 20.64 12.67
N HIS B 208 -2.69 21.28 13.61
CA HIS B 208 -2.04 22.24 14.50
C HIS B 208 -2.23 21.86 15.97
N ASP B 209 -2.59 20.61 16.24
CA ASP B 209 -2.62 20.07 17.59
C ASP B 209 -2.05 18.66 17.53
N LYS B 210 -1.69 18.11 18.68
CA LYS B 210 -1.14 16.77 18.72
C LYS B 210 -2.18 15.75 18.31
N ILE B 211 -1.72 14.67 17.71
CA ILE B 211 -2.59 13.54 17.41
C ILE B 211 -2.86 12.78 18.70
N ASN B 212 -4.11 12.38 18.89
CA ASN B 212 -4.55 11.75 20.15
C ASN B 212 -4.24 10.25 20.08
N ILE B 213 -3.01 9.91 20.46
CA ILE B 213 -2.57 8.52 20.54
C ILE B 213 -2.83 8.00 21.94
N PHE B 214 -3.39 6.80 22.05
CA PHE B 214 -3.66 6.24 23.36
C PHE B 214 -2.36 5.83 24.05
N LYS B 215 -2.26 6.14 25.33
CA LYS B 215 -1.06 5.90 26.12
C LYS B 215 -1.32 4.72 27.06
N PHE B 216 -0.77 3.55 26.69
CA PHE B 216 -0.82 2.39 27.55
C PHE B 216 0.22 2.50 28.66
N GLU B 217 -0.08 1.90 29.80
CA GLU B 217 0.85 1.90 30.91
C GLU B 217 2.04 0.97 30.64
N ARG B 218 3.19 1.32 31.20
CA ARG B 218 4.40 0.54 30.96
C ARG B 218 4.23 -0.90 31.42
N ASP B 219 3.67 -1.11 32.61
CA ASP B 219 3.46 -2.48 33.10
C ASP B 219 2.46 -3.23 32.24
N THR B 220 1.47 -2.53 31.67
CA THR B 220 0.51 -3.19 30.79
C THR B 220 1.20 -3.68 29.51
N LEU B 221 2.09 -2.86 28.94
CA LEU B 221 2.81 -3.28 27.74
C LEU B 221 3.73 -4.46 28.04
N GLU B 222 4.38 -4.45 29.22
CA GLU B 222 5.27 -5.55 29.58
C GLU B 222 4.49 -6.85 29.73
N ARG B 223 3.36 -6.80 30.46
CA ARG B 223 2.53 -7.99 30.62
C ARG B 223 2.05 -8.54 29.29
N ALA B 224 1.79 -7.66 28.32
CA ALA B 224 1.38 -8.11 27.00
C ALA B 224 2.54 -8.66 26.17
N GLY B 225 3.77 -8.64 26.70
CA GLY B 225 4.91 -9.08 25.94
C GLY B 225 5.36 -8.14 24.85
N VAL B 226 4.98 -6.86 24.94
CA VAL B 226 5.40 -5.87 23.95
C VAL B 226 6.88 -5.60 24.13
N GLN B 227 7.66 -5.80 23.07
CA GLN B 227 9.09 -5.57 23.12
C GLN B 227 9.38 -4.08 23.22
N ASP B 228 10.44 -3.75 23.95
CA ASP B 228 10.86 -2.36 24.13
C ASP B 228 11.83 -1.98 23.01
N HIS B 229 11.56 -0.86 22.37
CA HIS B 229 12.45 -0.29 21.37
C HIS B 229 13.00 1.03 21.88
N ALA B 230 14.12 1.46 21.28
CA ALA B 230 14.62 2.80 21.54
C ALA B 230 13.61 3.86 21.11
N THR B 231 12.71 3.50 20.19
CA THR B 231 11.68 4.41 19.73
C THR B 231 10.56 4.49 20.77
N PRO B 232 10.27 5.66 21.32
CA PRO B 232 9.16 5.76 22.28
C PRO B 232 7.82 5.72 21.57
N HIS B 233 6.89 4.96 22.15
CA HIS B 233 5.55 4.78 21.62
C HIS B 233 5.55 4.45 20.12
N PRO B 234 6.15 3.33 19.73
CA PRO B 234 6.18 2.98 18.31
C PRO B 234 4.86 2.35 17.89
N PRO B 235 4.58 2.30 16.59
CA PRO B 235 3.43 1.51 16.13
C PRO B 235 3.73 0.03 16.26
N PHE B 236 2.66 -0.77 16.22
CA PHE B 236 2.80 -2.21 16.12
C PHE B 236 2.89 -2.60 14.65
N LEU B 237 3.71 -3.62 14.36
CA LEU B 237 3.89 -4.16 13.01
C LEU B 237 3.36 -5.58 13.00
N VAL B 238 2.28 -5.82 12.27
CA VAL B 238 1.58 -7.10 12.34
C VAL B 238 1.55 -7.78 10.98
N ILE B 239 1.50 -9.10 11.03
CA ILE B 239 1.13 -9.94 9.90
C ILE B 239 -0.14 -10.70 10.31
N ALA B 240 -1.09 -10.80 9.38
CA ALA B 240 -2.29 -11.59 9.61
C ALA B 240 -2.62 -12.35 8.34
N SER B 241 -3.40 -13.42 8.49
CA SER B 241 -3.69 -14.28 7.35
C SER B 241 -5.02 -14.98 7.54
N ASN B 242 -5.70 -15.20 6.43
CA ASN B 242 -6.89 -16.05 6.39
C ASN B 242 -6.56 -17.48 6.00
N ASP B 243 -5.32 -17.75 5.63
CA ASP B 243 -4.86 -19.09 5.29
C ASP B 243 -4.13 -19.67 6.49
N ILE B 244 -4.28 -20.99 6.69
CA ILE B 244 -3.71 -21.67 7.85
C ILE B 244 -2.85 -22.84 7.37
N SER B 245 -1.98 -23.29 8.26
CA SER B 245 -1.07 -24.39 7.94
C SER B 245 -1.84 -25.67 7.70
N GLU B 246 -1.57 -26.30 6.54
CA GLU B 246 -2.19 -27.58 6.23
C GLU B 246 -1.74 -28.66 7.20
N GLU B 247 -0.44 -28.72 7.48
CA GLU B 247 0.10 -29.77 8.35
C GLU B 247 -0.47 -29.64 9.76
N LEU B 248 -0.59 -28.42 10.27
CA LEU B 248 -1.01 -28.24 11.66
C LEU B 248 -2.52 -28.43 11.82
N ALA B 249 -3.31 -27.99 10.82
CA ALA B 249 -4.75 -28.22 10.88
C ALA B 249 -5.11 -29.69 10.85
N ALA B 250 -4.19 -30.55 10.42
CA ALA B 250 -4.38 -31.99 10.39
C ALA B 250 -3.78 -32.68 11.61
N ALA B 251 -3.64 -31.96 12.72
CA ALA B 251 -3.13 -32.55 13.95
C ALA B 251 -4.29 -33.10 14.79
N GLU B 252 -3.94 -33.80 15.86
CA GLU B 252 -4.92 -34.35 16.78
C GLU B 252 -4.69 -33.83 18.19
N PRO B 253 -5.45 -32.82 18.61
CA PRO B 253 -6.49 -32.12 17.84
C PRO B 253 -5.90 -31.08 16.90
N PRO B 254 -6.69 -30.55 15.97
CA PRO B 254 -6.15 -29.56 15.02
C PRO B 254 -5.67 -28.30 15.71
N LEU B 255 -4.56 -27.75 15.19
CA LEU B 255 -3.98 -26.51 15.66
C LEU B 255 -4.14 -25.44 14.59
N PHE B 256 -4.73 -24.31 14.99
CA PHE B 256 -4.99 -23.20 14.07
C PHE B 256 -3.76 -22.29 13.99
N TRP B 257 -3.18 -22.18 12.80
CA TRP B 257 -1.89 -21.52 12.62
C TRP B 257 -1.90 -20.70 11.34
N PRO B 258 -2.26 -19.41 11.43
CA PRO B 258 -2.30 -18.58 10.22
C PRO B 258 -0.93 -18.35 9.63
N GLU B 259 -0.84 -18.47 8.31
CA GLU B 259 0.43 -18.39 7.61
C GLU B 259 0.24 -17.71 6.26
N ARG B 260 1.32 -17.14 5.75
CA ARG B 260 1.36 -16.60 4.39
C ARG B 260 2.48 -17.32 3.67
N ARG B 261 2.11 -18.25 2.80
CA ARG B 261 3.04 -19.20 2.18
C ARG B 261 3.46 -18.67 0.82
N TYR B 262 4.71 -18.26 0.71
CA TYR B 262 5.32 -17.78 -0.52
C TYR B 262 6.17 -18.86 -1.15
N PRO B 263 6.52 -18.73 -2.43
CA PRO B 263 7.43 -19.72 -3.04
C PRO B 263 8.75 -19.85 -2.31
N TRP B 264 9.19 -18.81 -1.64
CA TRP B 264 10.51 -18.76 -1.00
C TRP B 264 10.46 -18.96 0.51
N GLY B 265 9.28 -19.13 1.10
CA GLY B 265 9.19 -19.30 2.53
C GLY B 265 7.83 -18.86 3.04
N THR B 266 7.60 -19.13 4.34
CA THR B 266 6.30 -18.94 4.96
C THR B 266 6.40 -17.98 6.13
N ALA B 267 5.69 -16.85 6.03
CA ALA B 267 5.53 -15.94 7.16
C ALA B 267 4.40 -16.42 8.06
N GLU B 268 4.60 -16.32 9.37
CA GLU B 268 3.67 -16.87 10.35
C GLU B 268 3.14 -15.74 11.23
N ALA B 269 1.82 -15.59 11.26
CA ALA B 269 1.19 -14.47 11.95
C ALA B 269 1.37 -14.54 13.47
N PHE B 270 1.36 -15.75 14.03
CA PHE B 270 1.52 -15.93 15.47
C PHE B 270 2.99 -16.08 15.87
N ASN B 271 3.93 -15.88 14.95
CA ASN B 271 5.35 -16.01 15.25
C ASN B 271 5.87 -14.66 15.72
N LYS B 272 6.28 -14.59 16.98
CA LYS B 272 6.69 -13.31 17.57
C LYS B 272 7.86 -12.70 16.82
N GLU B 273 8.65 -13.52 16.14
CA GLU B 273 9.76 -13.00 15.35
C GLU B 273 9.31 -12.47 13.99
N HIS B 274 8.10 -12.79 13.55
CA HIS B 274 7.57 -12.30 12.29
C HIS B 274 6.58 -11.16 12.46
N SER B 275 5.87 -11.11 13.59
CA SER B 275 4.67 -10.31 13.68
C SER B 275 4.41 -9.94 15.13
N ASP B 276 3.93 -8.71 15.35
CA ASP B 276 3.49 -8.25 16.67
C ASP B 276 2.07 -8.67 17.00
N LEU B 277 1.46 -9.53 16.17
CA LEU B 277 0.03 -9.78 16.29
C LEU B 277 -0.34 -10.37 17.64
N LEU B 278 0.45 -11.32 18.14
CA LEU B 278 0.13 -11.95 19.43
C LEU B 278 0.20 -10.94 20.56
N ALA B 279 1.17 -10.04 20.52
CA ALA B 279 1.28 -9.02 21.57
C ALA B 279 0.13 -8.03 21.47
N VAL B 280 -0.28 -7.66 20.25
CA VAL B 280 -1.40 -6.75 20.08
C VAL B 280 -2.68 -7.38 20.64
N ARG B 281 -2.88 -8.68 20.40
CA ARG B 281 -4.07 -9.35 20.90
C ARG B 281 -4.04 -9.45 22.42
N ALA B 282 -2.90 -9.83 22.99
CA ALA B 282 -2.78 -9.87 24.45
C ALA B 282 -3.02 -8.49 25.06
N LEU B 283 -2.51 -7.45 24.41
CA LEU B 283 -2.68 -6.09 24.92
C LEU B 283 -4.14 -5.67 24.89
N LEU B 284 -4.78 -5.76 23.72
CA LEU B 284 -6.13 -5.22 23.57
C LEU B 284 -7.21 -6.14 24.12
N LYS B 286 -6.85 -8.35 26.67
CA LYS B 286 -6.62 -8.84 28.02
C LYS B 286 -5.96 -7.80 28.94
N GLU B 287 -4.72 -7.43 28.65
CA GLU B 287 -3.93 -6.67 29.62
C GLU B 287 -4.43 -5.24 29.77
N ALA B 288 -5.00 -4.65 28.72
CA ALA B 288 -5.42 -3.25 28.76
C ALA B 288 -6.91 -3.09 29.03
N LEU B 289 -7.63 -4.17 29.29
CA LEU B 289 -9.08 -4.09 29.51
C LEU B 289 -9.43 -3.09 30.59
N GLU B 290 -8.68 -3.10 31.69
CA GLU B 290 -9.03 -2.26 32.83
C GLU B 290 -8.81 -0.78 32.51
N GLU B 291 -7.61 -0.42 32.03
CA GLU B 291 -7.33 0.99 31.78
C GLU B 291 -8.16 1.55 30.64
N ILE B 292 -8.58 0.70 29.69
CA ILE B 292 -9.54 1.15 28.69
C ILE B 292 -10.90 1.38 29.33
N SER B 293 -11.31 0.48 30.23
CA SER B 293 -12.60 0.61 30.90
C SER B 293 -12.59 1.79 31.87
N LYS B 294 -11.46 2.05 32.52
CA LYS B 294 -11.39 3.13 33.49
C LYS B 294 -11.58 4.50 32.85
N THR B 295 -11.18 4.66 31.59
CA THR B 295 -11.18 5.95 30.93
C THR B 295 -12.45 6.20 30.12
N LYS B 296 -13.49 5.40 30.31
CA LYS B 296 -14.74 5.59 29.56
C LYS B 296 -15.40 6.92 29.92
N ARG B 297 -15.51 7.21 31.21
CA ARG B 297 -16.21 8.43 31.63
C ARG B 297 -15.51 9.67 31.11
N ALA B 298 -14.18 9.68 31.12
CA ALA B 298 -13.42 10.83 30.64
C ALA B 298 -13.69 11.07 29.16
N ARG B 299 -13.67 10.01 28.35
CA ARG B 299 -13.95 10.16 26.92
C ARG B 299 -15.36 10.68 26.69
N TYR B 300 -16.33 10.18 27.45
CA TYR B 300 -17.70 10.65 27.29
C TYR B 300 -17.84 12.10 27.76
N GLU B 301 -17.21 12.44 28.89
CA GLU B 301 -17.29 13.81 29.39
C GLU B 301 -16.70 14.79 28.39
N ALA B 302 -15.60 14.43 27.74
CA ALA B 302 -15.00 15.30 26.74
C ALA B 302 -15.94 15.49 25.55
N TRP B 303 -16.69 14.45 25.18
CA TRP B 303 -17.68 14.59 24.12
C TRP B 303 -18.80 15.53 24.55
N ARG B 304 -19.24 15.44 25.81
CA ARG B 304 -20.29 16.31 26.29
C ARG B 304 -19.86 17.78 26.30
N ARG B 305 -18.60 18.05 26.64
CA ARG B 305 -18.14 19.44 26.72
C ARG B 305 -18.06 20.10 25.35
N THR B 306 -18.05 19.32 24.27
CA THR B 306 -17.82 19.86 22.93
C THR B 306 -19.02 19.71 22.00
N THR B 307 -20.18 19.30 22.52
CA THR B 307 -21.34 19.05 21.67
C THR B 307 -22.54 19.82 22.19
N LEU B 308 -23.57 19.89 21.35
CA LEU B 308 -24.80 20.60 21.66
C LEU B 308 -25.86 19.65 22.21
#